data_2B1J
#
_entry.id   2B1J
#
_cell.length_a   40.040
_cell.length_b   62.160
_cell.length_c   54.223
_cell.angle_alpha   90.00
_cell.angle_beta   96.77
_cell.angle_gamma   90.00
#
_symmetry.space_group_name_H-M   'P 1 21 1'
#
loop_
_entity.id
_entity.type
_entity.pdbx_description
1 polymer 'Chemotaxis protein cheY'
2 polymer 'Flagellar motor switch protein fliM'
3 non-polymer 'MAGNESIUM ION'
4 water water
#
loop_
_entity_poly.entity_id
_entity_poly.type
_entity_poly.pdbx_seq_one_letter_code
_entity_poly.pdbx_strand_id
1 'polypeptide(L)'
;ADKELKFLVVDDFSTMRRIVRNLLKELGFNNVEEAEDGVDALNKLQAGGYGFVISDWNMPNMDGLELLKTIRADGAMSAL
PVLMVTAEAKKENIIAAAQAGASGYVVKPFTAATLEEKLNKIFEKLGM
;
A,B
2 'polypeptide(L)' MGDSILSQAEIDALLN C,D
#
loop_
_chem_comp.id
_chem_comp.type
_chem_comp.name
_chem_comp.formula
MG non-polymer 'MAGNESIUM ION' 'Mg 2'
#
# COMPACT_ATOMS: atom_id res chain seq x y z
N ALA A 1 20.42 -6.59 -11.58
CA ALA A 1 19.70 -5.29 -11.45
C ALA A 1 18.88 -5.00 -12.70
N ASP A 2 18.84 -5.96 -13.63
CA ASP A 2 18.09 -5.79 -14.86
C ASP A 2 16.63 -5.50 -14.49
N LYS A 3 16.20 -4.26 -14.72
CA LYS A 3 14.84 -3.83 -14.41
C LYS A 3 13.79 -4.69 -15.13
N GLU A 4 14.25 -5.72 -15.82
CA GLU A 4 13.37 -6.61 -16.55
C GLU A 4 13.19 -7.90 -15.74
N LEU A 5 13.96 -8.00 -14.66
CA LEU A 5 13.94 -9.17 -13.75
C LEU A 5 12.51 -9.48 -13.31
N LYS A 6 12.06 -10.71 -13.58
CA LYS A 6 10.70 -11.11 -13.22
C LYS A 6 10.55 -11.46 -11.74
N PHE A 7 9.77 -10.65 -11.03
CA PHE A 7 9.54 -10.88 -9.62
C PHE A 7 8.26 -11.64 -9.39
N LEU A 8 8.29 -12.51 -8.39
CA LEU A 8 7.11 -13.23 -8.00
C LEU A 8 6.89 -12.70 -6.59
N VAL A 9 5.78 -12.01 -6.38
CA VAL A 9 5.45 -11.48 -5.07
C VAL A 9 4.42 -12.42 -4.48
N VAL A 10 4.78 -13.02 -3.36
CA VAL A 10 3.93 -13.98 -2.69
C VAL A 10 3.43 -13.49 -1.34
N ASP A 11 2.11 -13.40 -1.20
CA ASP A 11 1.50 -12.94 0.03
C ASP A 11 0.01 -13.23 -0.08
N ASP A 12 -0.54 -13.84 0.97
CA ASP A 12 -1.95 -14.21 0.98
C ASP A 12 -2.91 -13.03 1.07
N PHE A 13 -2.35 -11.84 1.25
N PHE A 13 -2.38 -11.84 1.28
CA PHE A 13 -3.12 -10.60 1.40
CA PHE A 13 -3.19 -10.63 1.38
C PHE A 13 -2.95 -9.72 0.15
C PHE A 13 -2.98 -9.73 0.17
N SER A 14 -4.03 -9.57 -0.62
CA SER A 14 -3.99 -8.76 -1.84
C SER A 14 -3.42 -7.38 -1.71
N THR A 15 -3.87 -6.65 -0.70
CA THR A 15 -3.39 -5.28 -0.51
C THR A 15 -1.87 -5.24 -0.38
N MET A 16 -1.31 -6.17 0.39
CA MET A 16 0.14 -6.19 0.57
C MET A 16 0.86 -6.45 -0.76
N ARG A 17 0.31 -7.35 -1.55
CA ARG A 17 0.92 -7.65 -2.84
C ARG A 17 0.87 -6.40 -3.72
N ARG A 18 -0.23 -5.65 -3.61
CA ARG A 18 -0.39 -4.43 -4.39
C ARG A 18 0.68 -3.42 -3.96
N ILE A 19 0.86 -3.27 -2.66
CA ILE A 19 1.85 -2.36 -2.11
C ILE A 19 3.23 -2.74 -2.63
N VAL A 20 3.62 -4.01 -2.43
CA VAL A 20 4.93 -4.46 -2.87
C VAL A 20 5.08 -4.22 -4.37
N ARG A 21 4.10 -4.66 -5.16
CA ARG A 21 4.14 -4.45 -6.59
C ARG A 21 4.48 -2.99 -6.88
N ASN A 22 3.70 -2.07 -6.30
CA ASN A 22 3.90 -0.64 -6.51
C ASN A 22 5.23 -0.11 -6.01
N LEU A 23 5.77 -0.68 -4.94
CA LEU A 23 7.04 -0.23 -4.43
C LEU A 23 8.13 -0.65 -5.40
N LEU A 24 7.93 -1.79 -6.03
CA LEU A 24 8.89 -2.32 -7.01
C LEU A 24 8.84 -1.41 -8.23
N LYS A 25 7.63 -1.07 -8.66
CA LYS A 25 7.43 -0.21 -9.81
C LYS A 25 8.15 1.12 -9.58
N GLU A 26 7.95 1.69 -8.40
CA GLU A 26 8.59 2.95 -8.04
C GLU A 26 10.09 2.83 -8.13
N LEU A 27 10.56 1.61 -7.94
CA LEU A 27 11.99 1.35 -8.03
C LEU A 27 12.45 0.99 -9.46
N GLY A 28 11.48 0.87 -10.37
CA GLY A 28 11.78 0.57 -11.76
C GLY A 28 11.52 -0.85 -12.20
N PHE A 29 10.99 -1.70 -11.33
CA PHE A 29 10.72 -3.09 -11.69
C PHE A 29 9.22 -3.28 -11.99
N ASN A 30 8.90 -3.49 -13.26
CA ASN A 30 7.51 -3.65 -13.66
C ASN A 30 7.12 -5.08 -13.98
N ASN A 31 8.10 -5.96 -14.07
CA ASN A 31 7.80 -7.35 -14.36
C ASN A 31 7.50 -8.09 -13.06
N VAL A 32 6.29 -7.88 -12.57
CA VAL A 32 5.87 -8.48 -11.31
C VAL A 32 4.64 -9.37 -11.40
N GLU A 33 4.78 -10.58 -10.87
CA GLU A 33 3.69 -11.55 -10.85
C GLU A 33 3.32 -11.76 -9.39
N GLU A 34 2.09 -12.17 -9.14
CA GLU A 34 1.63 -12.38 -7.78
C GLU A 34 1.17 -13.81 -7.53
N ALA A 35 1.36 -14.28 -6.32
CA ALA A 35 0.93 -15.62 -5.94
C ALA A 35 0.24 -15.41 -4.60
N GLU A 36 -0.73 -16.27 -4.29
CA GLU A 36 -1.49 -16.19 -3.05
C GLU A 36 -0.88 -16.97 -1.89
N ASP A 37 -0.12 -18.01 -2.20
CA ASP A 37 0.53 -18.81 -1.17
C ASP A 37 1.67 -19.63 -1.74
N GLY A 38 2.34 -20.38 -0.87
CA GLY A 38 3.45 -21.20 -1.32
C GLY A 38 3.15 -22.14 -2.48
N VAL A 39 2.03 -22.83 -2.42
CA VAL A 39 1.66 -23.77 -3.48
C VAL A 39 1.42 -23.05 -4.79
N ASP A 40 0.66 -21.98 -4.71
CA ASP A 40 0.33 -21.18 -5.88
C ASP A 40 1.63 -20.59 -6.45
N ALA A 41 2.56 -20.28 -5.57
CA ALA A 41 3.84 -19.74 -6.00
C ALA A 41 4.60 -20.82 -6.76
N LEU A 42 4.69 -22.01 -6.18
CA LEU A 42 5.39 -23.12 -6.84
C LEU A 42 4.74 -23.46 -8.18
N ASN A 43 3.42 -23.50 -8.20
CA ASN A 43 2.71 -23.80 -9.45
C ASN A 43 3.16 -22.82 -10.51
N LYS A 44 3.36 -21.56 -10.12
CA LYS A 44 3.80 -20.55 -11.06
C LYS A 44 5.30 -20.59 -11.34
N LEU A 45 6.09 -20.93 -10.32
CA LEU A 45 7.54 -20.99 -10.51
C LEU A 45 7.98 -22.09 -11.47
N GLN A 46 7.23 -23.19 -11.51
CA GLN A 46 7.56 -24.29 -12.42
C GLN A 46 7.61 -23.79 -13.85
N ALA A 47 6.75 -22.82 -14.17
CA ALA A 47 6.71 -22.24 -15.51
C ALA A 47 8.04 -21.54 -15.83
N GLY A 48 8.97 -21.59 -14.89
CA GLY A 48 10.26 -20.96 -15.08
C GLY A 48 10.16 -19.48 -15.43
N GLY A 49 11.32 -18.83 -15.56
CA GLY A 49 11.33 -17.43 -15.94
C GLY A 49 11.44 -16.43 -14.81
N TYR A 50 11.23 -16.87 -13.57
CA TYR A 50 11.31 -15.95 -12.45
C TYR A 50 12.74 -15.78 -11.97
N GLY A 51 13.11 -14.54 -11.64
CA GLY A 51 14.46 -14.27 -11.19
C GLY A 51 14.56 -13.79 -9.75
N PHE A 52 13.41 -13.52 -9.12
CA PHE A 52 13.43 -13.06 -7.73
C PHE A 52 12.09 -13.38 -7.06
N VAL A 53 12.15 -13.80 -5.80
CA VAL A 53 10.94 -14.11 -5.08
C VAL A 53 10.89 -13.29 -3.81
N ILE A 54 9.78 -12.61 -3.59
CA ILE A 54 9.57 -11.84 -2.38
C ILE A 54 8.42 -12.61 -1.78
N SER A 55 8.64 -13.22 -0.63
CA SER A 55 7.61 -14.01 -0.03
C SER A 55 7.24 -13.66 1.39
N ASP A 56 5.94 -13.64 1.63
CA ASP A 56 5.41 -13.37 2.93
C ASP A 56 5.80 -14.60 3.74
N TRP A 57 5.72 -14.51 5.06
CA TRP A 57 6.05 -15.66 5.87
C TRP A 57 4.80 -16.46 6.17
N ASN A 58 3.75 -15.79 6.65
CA ASN A 58 2.52 -16.50 6.97
C ASN A 58 1.50 -16.53 5.85
N MET A 59 1.29 -17.73 5.33
CA MET A 59 0.34 -17.96 4.25
C MET A 59 -0.21 -19.36 4.45
N PRO A 60 -1.46 -19.59 4.04
CA PRO A 60 -2.03 -20.94 4.19
C PRO A 60 -1.50 -21.85 3.09
N ASN A 61 -1.78 -23.16 3.23
CA ASN A 61 -1.36 -24.17 2.26
C ASN A 61 0.13 -24.48 2.29
N MET A 62 0.93 -23.43 2.28
CA MET A 62 2.38 -23.56 2.34
C MET A 62 2.94 -22.18 2.66
N ASP A 63 3.52 -22.04 3.84
CA ASP A 63 4.08 -20.77 4.29
C ASP A 63 5.45 -20.45 3.66
N GLY A 64 5.93 -19.25 3.94
CA GLY A 64 7.19 -18.78 3.40
C GLY A 64 8.42 -19.66 3.64
N LEU A 65 8.60 -20.16 4.85
CA LEU A 65 9.75 -20.99 5.15
C LEU A 65 9.75 -22.26 4.31
N GLU A 66 8.59 -22.90 4.25
CA GLU A 66 8.42 -24.14 3.51
C GLU A 66 8.65 -23.90 2.02
N LEU A 67 8.24 -22.73 1.54
CA LEU A 67 8.39 -22.36 0.14
C LEU A 67 9.88 -22.21 -0.13
N LEU A 68 10.58 -21.54 0.78
CA LEU A 68 12.01 -21.31 0.67
C LEU A 68 12.75 -22.65 0.68
N LYS A 69 12.42 -23.52 1.62
CA LYS A 69 13.08 -24.80 1.68
C LYS A 69 12.81 -25.55 0.39
N THR A 70 11.58 -25.45 -0.11
CA THR A 70 11.22 -26.18 -1.32
C THR A 70 11.99 -25.66 -2.54
N ILE A 71 12.14 -24.35 -2.61
CA ILE A 71 12.88 -23.74 -3.69
C ILE A 71 14.36 -24.14 -3.63
N ARG A 72 14.96 -24.04 -2.46
CA ARG A 72 16.38 -24.40 -2.29
C ARG A 72 16.69 -25.86 -2.57
N ALA A 73 15.71 -26.73 -2.44
CA ALA A 73 15.92 -28.16 -2.68
C ALA A 73 15.68 -28.53 -4.13
N ASP A 74 14.97 -27.67 -4.86
CA ASP A 74 14.70 -27.94 -6.25
C ASP A 74 15.91 -27.52 -7.07
N GLY A 75 16.38 -28.42 -7.92
CA GLY A 75 17.55 -28.14 -8.74
C GLY A 75 17.39 -26.88 -9.57
N ALA A 76 16.25 -26.75 -10.24
CA ALA A 76 15.98 -25.60 -11.09
C ALA A 76 15.74 -24.27 -10.38
N MET A 77 15.14 -24.30 -9.19
CA MET A 77 14.87 -23.06 -8.48
C MET A 77 15.95 -22.72 -7.44
N SER A 78 16.74 -23.73 -7.12
CA SER A 78 17.83 -23.66 -6.14
C SER A 78 18.55 -22.32 -5.93
N ALA A 79 18.93 -21.65 -7.01
CA ALA A 79 19.65 -20.39 -6.88
C ALA A 79 18.76 -19.14 -6.81
N LEU A 80 17.45 -19.33 -6.80
CA LEU A 80 16.52 -18.21 -6.78
C LEU A 80 16.63 -17.34 -5.53
N PRO A 81 16.89 -16.03 -5.72
CA PRO A 81 16.99 -15.15 -4.55
C PRO A 81 15.60 -15.12 -3.92
N VAL A 82 15.54 -15.20 -2.61
CA VAL A 82 14.26 -15.18 -1.91
C VAL A 82 14.37 -14.21 -0.76
N LEU A 83 13.54 -13.16 -0.82
CA LEU A 83 13.52 -12.16 0.22
C LEU A 83 12.26 -12.36 1.07
N MET A 84 12.46 -12.69 2.34
CA MET A 84 11.35 -12.88 3.26
C MET A 84 10.84 -11.51 3.68
N VAL A 85 9.53 -11.33 3.64
CA VAL A 85 8.91 -10.08 4.03
C VAL A 85 7.81 -10.45 4.99
N THR A 86 8.06 -10.22 6.27
CA THR A 86 7.08 -10.54 7.29
C THR A 86 6.83 -9.38 8.23
N ALA A 87 5.66 -9.38 8.86
N ALA A 87 5.69 -9.41 8.92
CA ALA A 87 5.28 -8.32 9.78
CA ALA A 87 5.32 -8.37 9.85
C ALA A 87 5.99 -8.51 11.11
C ALA A 87 6.23 -8.41 11.07
N GLU A 88 6.15 -9.76 11.49
N GLU A 88 5.85 -9.20 12.07
CA GLU A 88 6.82 -10.10 12.73
CA GLU A 88 6.62 -9.33 13.29
C GLU A 88 8.31 -9.80 12.62
C GLU A 88 7.94 -10.07 13.01
N ALA A 89 9.12 -10.48 13.43
N ALA A 89 9.00 -9.65 13.69
CA ALA A 89 10.55 -10.29 13.43
CA ALA A 89 10.31 -10.26 13.49
C ALA A 89 11.13 -11.11 14.58
C ALA A 89 10.85 -11.00 14.72
N LYS A 90 10.56 -12.29 14.80
CA LYS A 90 11.01 -13.15 15.88
C LYS A 90 12.43 -13.65 15.56
N LYS A 91 13.29 -13.69 16.56
CA LYS A 91 14.68 -14.14 16.38
C LYS A 91 14.78 -15.54 15.78
N GLU A 92 13.83 -16.40 16.15
CA GLU A 92 13.80 -17.77 15.69
C GLU A 92 13.70 -17.89 14.18
N ASN A 93 12.80 -17.07 13.61
CA ASN A 93 12.57 -17.04 12.17
C ASN A 93 13.78 -16.61 11.41
N ILE A 94 14.29 -15.47 11.84
CA ILE A 94 15.46 -14.91 11.23
C ILE A 94 16.47 -16.03 11.15
N ILE A 95 16.61 -16.76 12.24
CA ILE A 95 17.56 -17.86 12.27
C ILE A 95 17.15 -18.97 11.31
N ALA A 96 15.90 -19.41 11.41
CA ALA A 96 15.39 -20.45 10.54
C ALA A 96 15.57 -20.03 9.08
N ALA A 97 15.06 -18.85 8.76
CA ALA A 97 15.14 -18.30 7.41
C ALA A 97 16.58 -18.31 6.89
N ALA A 98 17.51 -17.81 7.69
CA ALA A 98 18.90 -17.78 7.29
C ALA A 98 19.40 -19.20 7.08
N GLN A 99 19.07 -20.08 8.01
CA GLN A 99 19.48 -21.48 7.94
C GLN A 99 18.96 -22.11 6.65
N ALA A 100 17.71 -21.83 6.32
CA ALA A 100 17.10 -22.37 5.11
C ALA A 100 17.67 -21.72 3.86
N GLY A 101 18.39 -20.60 4.03
CA GLY A 101 18.98 -19.95 2.87
C GLY A 101 18.28 -18.73 2.33
N ALA A 102 17.55 -18.01 3.17
CA ALA A 102 16.85 -16.81 2.72
C ALA A 102 17.90 -15.80 2.30
N SER A 103 17.69 -15.16 1.16
CA SER A 103 18.64 -14.17 0.66
C SER A 103 18.62 -12.88 1.46
N GLY A 104 17.52 -12.64 2.16
CA GLY A 104 17.40 -11.41 2.93
C GLY A 104 16.12 -11.44 3.74
N TYR A 105 15.94 -10.46 4.62
CA TYR A 105 14.75 -10.44 5.47
C TYR A 105 14.31 -9.00 5.70
N VAL A 106 13.03 -8.74 5.52
CA VAL A 106 12.53 -7.38 5.71
C VAL A 106 11.23 -7.39 6.49
N VAL A 107 11.10 -6.44 7.42
CA VAL A 107 9.92 -6.33 8.23
C VAL A 107 8.95 -5.31 7.65
N LYS A 108 7.74 -5.76 7.33
CA LYS A 108 6.74 -4.85 6.81
C LYS A 108 6.16 -4.19 8.06
N PRO A 109 5.70 -2.93 7.94
CA PRO A 109 5.70 -2.12 6.73
C PRO A 109 7.09 -1.58 6.43
N PHE A 110 7.42 -1.49 5.15
CA PHE A 110 8.73 -0.99 4.75
C PHE A 110 8.59 0.02 3.62
N THR A 111 9.61 0.85 3.45
CA THR A 111 9.61 1.88 2.42
C THR A 111 10.38 1.42 1.20
N ALA A 112 10.19 2.12 0.08
CA ALA A 112 10.90 1.78 -1.15
C ALA A 112 12.39 1.92 -0.87
N ALA A 113 12.72 2.80 0.07
CA ALA A 113 14.11 3.01 0.45
C ALA A 113 14.68 1.71 1.02
N THR A 114 14.02 1.21 2.06
CA THR A 114 14.42 -0.02 2.73
C THR A 114 14.49 -1.19 1.74
N LEU A 115 13.49 -1.28 0.87
CA LEU A 115 13.44 -2.33 -0.13
C LEU A 115 14.64 -2.21 -1.06
N GLU A 116 14.85 -1.01 -1.58
CA GLU A 116 15.97 -0.73 -2.48
C GLU A 116 17.29 -1.19 -1.85
N GLU A 117 17.46 -0.84 -0.58
CA GLU A 117 18.66 -1.21 0.15
C GLU A 117 18.83 -2.73 0.11
N LYS A 118 17.83 -3.45 0.62
CA LYS A 118 17.84 -4.91 0.66
C LYS A 118 18.05 -5.53 -0.71
N LEU A 119 17.31 -5.05 -1.71
CA LEU A 119 17.47 -5.60 -3.04
C LEU A 119 18.90 -5.39 -3.53
N ASN A 120 19.45 -4.21 -3.26
CA ASN A 120 20.81 -3.90 -3.68
C ASN A 120 21.84 -4.84 -3.07
N LYS A 121 21.78 -5.03 -1.76
CA LYS A 121 22.74 -5.90 -1.09
C LYS A 121 22.66 -7.32 -1.62
N ILE A 122 21.47 -7.76 -2.00
CA ILE A 122 21.30 -9.11 -2.53
C ILE A 122 21.81 -9.18 -3.96
N PHE A 123 21.49 -8.18 -4.77
CA PHE A 123 21.96 -8.16 -6.16
C PHE A 123 23.49 -8.18 -6.11
N GLU A 124 24.03 -7.52 -5.10
CA GLU A 124 25.48 -7.43 -4.91
C GLU A 124 26.07 -8.75 -4.47
N LYS A 125 25.66 -9.22 -3.30
CA LYS A 125 26.16 -10.48 -2.76
C LYS A 125 26.16 -11.54 -3.86
N LEU A 126 25.20 -11.46 -4.76
CA LEU A 126 25.12 -12.40 -5.87
C LEU A 126 25.83 -11.84 -7.09
N GLY A 127 25.08 -11.52 -8.15
CA GLY A 127 25.70 -11.00 -9.35
C GLY A 127 24.82 -10.07 -10.17
N MET A 128 23.51 -10.29 -10.12
CA MET A 128 22.57 -9.46 -10.89
C MET A 128 23.01 -8.00 -10.96
N ALA B 1 -18.98 11.34 13.91
CA ALA B 1 -18.65 12.77 14.16
C ALA B 1 -17.70 12.91 15.34
N ASP B 2 -17.20 11.78 15.83
CA ASP B 2 -16.27 11.80 16.96
C ASP B 2 -15.04 12.60 16.55
N LYS B 3 -14.90 13.80 17.11
CA LYS B 3 -13.77 14.67 16.80
C LYS B 3 -12.44 13.97 17.03
N GLU B 4 -12.50 12.72 17.45
CA GLU B 4 -11.29 11.94 17.70
C GLU B 4 -10.97 11.06 16.47
N LEU B 5 -11.87 11.09 15.50
CA LEU B 5 -11.73 10.32 14.29
C LEU B 5 -10.37 10.60 13.66
N LYS B 6 -9.61 9.54 13.37
CA LYS B 6 -8.28 9.69 12.78
C LYS B 6 -8.35 9.81 11.27
N PHE B 7 -7.99 10.98 10.77
CA PHE B 7 -7.99 11.25 9.33
C PHE B 7 -6.64 10.99 8.69
N LEU B 8 -6.67 10.49 7.47
CA LEU B 8 -5.46 10.28 6.69
C LEU B 8 -5.63 11.25 5.53
N VAL B 9 -4.79 12.26 5.46
CA VAL B 9 -4.87 13.23 4.38
C VAL B 9 -3.79 12.84 3.41
N VAL B 10 -4.21 12.54 2.19
CA VAL B 10 -3.32 12.08 1.15
C VAL B 10 -3.29 13.07 0.02
N ASP B 11 -2.09 13.58 -0.27
CA ASP B 11 -1.90 14.52 -1.35
C ASP B 11 -0.39 14.65 -1.57
N ASP B 12 0.03 14.70 -2.83
CA ASP B 12 1.47 14.80 -3.11
C ASP B 12 2.18 16.13 -2.78
N PHE B 13 1.41 17.19 -2.57
N PHE B 13 1.47 17.24 -2.64
CA PHE B 13 1.99 18.49 -2.24
CA PHE B 13 2.19 18.46 -2.28
C PHE B 13 1.74 18.86 -0.79
C PHE B 13 1.80 19.00 -0.91
N SER B 14 2.82 19.13 -0.07
CA SER B 14 2.71 19.54 1.32
C SER B 14 1.74 20.66 1.65
N THR B 15 1.82 21.75 0.90
CA THR B 15 0.95 22.88 1.15
C THR B 15 -0.52 22.53 1.15
N MET B 16 -0.93 21.60 0.29
CA MET B 16 -2.32 21.21 0.24
C MET B 16 -2.66 20.37 1.46
N ARG B 17 -1.72 19.54 1.90
CA ARG B 17 -1.99 18.71 3.06
C ARG B 17 -2.12 19.59 4.29
N ARG B 18 -1.32 20.66 4.32
CA ARG B 18 -1.34 21.61 5.42
C ARG B 18 -2.68 22.33 5.44
N ILE B 19 -3.14 22.79 4.28
CA ILE B 19 -4.41 23.49 4.19
C ILE B 19 -5.53 22.63 4.72
N VAL B 20 -5.59 21.39 4.24
CA VAL B 20 -6.62 20.46 4.67
C VAL B 20 -6.48 20.21 6.17
N ARG B 21 -5.26 19.99 6.63
CA ARG B 21 -5.05 19.74 8.04
C ARG B 21 -5.60 20.90 8.88
N ASN B 22 -5.30 22.13 8.47
CA ASN B 22 -5.77 23.32 9.17
C ASN B 22 -7.28 23.51 9.09
N LEU B 23 -7.90 23.17 7.96
CA LEU B 23 -9.34 23.32 7.83
C LEU B 23 -10.01 22.30 8.73
N LEU B 24 -9.40 21.13 8.87
CA LEU B 24 -9.94 20.09 9.73
C LEU B 24 -9.82 20.55 11.17
N LYS B 25 -8.67 21.08 11.52
CA LYS B 25 -8.44 21.59 12.88
C LYS B 25 -9.50 22.63 13.18
N GLU B 26 -9.71 23.54 12.25
CA GLU B 26 -10.72 24.57 12.44
C GLU B 26 -12.11 23.98 12.62
N LEU B 27 -12.34 22.78 12.11
CA LEU B 27 -13.64 22.15 12.26
C LEU B 27 -13.68 21.30 13.52
N GLY B 28 -12.53 21.15 14.17
CA GLY B 28 -12.48 20.39 15.40
C GLY B 28 -11.84 19.02 15.32
N PHE B 29 -11.23 18.69 14.19
CA PHE B 29 -10.58 17.40 14.01
C PHE B 29 -9.07 17.59 14.05
N ASN B 30 -8.44 17.13 15.12
CA ASN B 30 -7.00 17.29 15.28
C ASN B 30 -6.21 16.03 15.05
N ASN B 31 -6.89 14.88 15.04
CA ASN B 31 -6.17 13.64 14.82
C ASN B 31 -6.01 13.44 13.32
N VAL B 32 -4.96 14.04 12.77
CA VAL B 32 -4.69 13.97 11.35
C VAL B 32 -3.31 13.45 11.00
N GLU B 33 -3.27 12.53 10.05
CA GLU B 33 -2.04 11.93 9.55
C GLU B 33 -1.90 12.27 8.06
N GLU B 34 -0.65 12.36 7.61
CA GLU B 34 -0.37 12.70 6.22
C GLU B 34 0.33 11.59 5.43
N ALA B 35 -0.01 11.50 4.16
CA ALA B 35 0.58 10.51 3.27
C ALA B 35 0.87 11.25 1.98
N GLU B 36 1.97 10.90 1.32
CA GLU B 36 2.37 11.56 0.08
C GLU B 36 1.74 11.00 -1.18
N ASP B 37 1.31 9.74 -1.15
CA ASP B 37 0.69 9.15 -2.33
C ASP B 37 -0.07 7.87 -2.02
N GLY B 38 -0.71 7.31 -3.05
CA GLY B 38 -1.47 6.10 -2.86
C GLY B 38 -0.74 4.98 -2.13
N VAL B 39 0.48 4.68 -2.56
CA VAL B 39 1.28 3.62 -1.94
C VAL B 39 1.56 3.93 -0.48
N ASP B 40 2.09 5.12 -0.24
CA ASP B 40 2.43 5.57 1.09
C ASP B 40 1.18 5.53 1.96
N ALA B 41 0.05 5.91 1.38
CA ALA B 41 -1.21 5.90 2.10
C ALA B 41 -1.54 4.46 2.51
N LEU B 42 -1.49 3.53 1.56
CA LEU B 42 -1.79 2.13 1.88
C LEU B 42 -0.84 1.59 2.95
N ASN B 43 0.43 1.97 2.84
CA ASN B 43 1.43 1.55 3.81
C ASN B 43 1.03 2.01 5.19
N LYS B 44 0.43 3.19 5.29
CA LYS B 44 0.03 3.69 6.59
C LYS B 44 -1.31 3.10 7.02
N LEU B 45 -2.23 2.94 6.06
CA LEU B 45 -3.53 2.40 6.37
C LEU B 45 -3.46 1.00 6.96
N GLN B 46 -2.43 0.24 6.58
CA GLN B 46 -2.28 -1.11 7.09
C GLN B 46 -2.15 -1.13 8.62
N ALA B 47 -1.52 -0.10 9.16
CA ALA B 47 -1.33 0.01 10.60
C ALA B 47 -2.69 0.07 11.30
N GLY B 48 -3.76 0.10 10.49
CA GLY B 48 -5.11 0.16 11.02
C GLY B 48 -5.36 1.39 11.88
N GLY B 49 -6.61 1.59 12.29
CA GLY B 49 -6.92 2.73 13.13
C GLY B 49 -7.42 4.00 12.46
N TYR B 50 -7.44 4.02 11.13
CA TYR B 50 -7.92 5.21 10.41
C TYR B 50 -9.40 5.13 10.14
N GLY B 51 -10.10 6.24 10.33
CA GLY B 51 -11.55 6.25 10.11
C GLY B 51 -12.05 7.10 8.97
N PHE B 52 -11.15 7.83 8.32
CA PHE B 52 -11.58 8.68 7.22
C PHE B 52 -10.37 8.99 6.37
N VAL B 53 -10.57 8.98 5.06
CA VAL B 53 -9.49 9.28 4.14
C VAL B 53 -9.91 10.41 3.22
N ILE B 54 -9.07 11.43 3.12
CA ILE B 54 -9.29 12.57 2.26
C ILE B 54 -8.13 12.42 1.30
N SER B 55 -8.44 12.08 0.06
CA SER B 55 -7.40 11.83 -0.89
C SER B 55 -7.44 12.72 -2.08
N ASP B 56 -6.25 13.13 -2.49
CA ASP B 56 -6.10 13.97 -3.65
C ASP B 56 -6.38 13.00 -4.80
N TRP B 57 -6.55 13.51 -6.01
CA TRP B 57 -6.79 12.61 -7.14
C TRP B 57 -5.45 12.31 -7.82
N ASN B 58 -4.75 13.35 -8.27
CA ASN B 58 -3.47 13.16 -8.94
C ASN B 58 -2.24 13.11 -8.04
N MET B 59 -1.65 11.94 -7.96
CA MET B 59 -0.45 11.73 -7.16
C MET B 59 0.36 10.68 -7.90
N PRO B 60 1.68 10.71 -7.78
CA PRO B 60 2.50 9.71 -8.46
C PRO B 60 2.48 8.39 -7.71
N ASN B 61 2.96 7.34 -8.37
CA ASN B 61 3.03 5.99 -7.83
C ASN B 61 1.68 5.29 -7.72
N MET B 62 0.67 6.00 -7.20
CA MET B 62 -0.68 5.45 -7.08
C MET B 62 -1.63 6.60 -6.82
N ASP B 63 -2.43 6.93 -7.83
CA ASP B 63 -3.36 8.05 -7.72
C ASP B 63 -4.53 7.75 -6.79
N GLY B 64 -5.36 8.78 -6.61
CA GLY B 64 -6.52 8.67 -5.74
C GLY B 64 -7.45 7.54 -6.10
N LEU B 65 -7.91 7.53 -7.35
CA LEU B 65 -8.84 6.51 -7.82
C LEU B 65 -8.32 5.09 -7.58
N GLU B 66 -7.05 4.86 -7.86
CA GLU B 66 -6.46 3.54 -7.64
C GLU B 66 -6.50 3.24 -6.15
N LEU B 67 -6.17 4.26 -5.34
CA LEU B 67 -6.17 4.12 -3.89
C LEU B 67 -7.56 3.73 -3.43
N LEU B 68 -8.57 4.43 -3.96
CA LEU B 68 -9.96 4.16 -3.61
C LEU B 68 -10.33 2.72 -3.98
N LYS B 69 -10.11 2.33 -5.23
CA LYS B 69 -10.43 0.96 -5.66
C LYS B 69 -9.74 -0.05 -4.76
N THR B 70 -8.49 0.22 -4.41
CA THR B 70 -7.76 -0.69 -3.56
C THR B 70 -8.41 -0.77 -2.18
N ILE B 71 -8.76 0.38 -1.62
CA ILE B 71 -9.39 0.43 -0.31
C ILE B 71 -10.72 -0.34 -0.34
N ARG B 72 -11.54 -0.07 -1.34
CA ARG B 72 -12.82 -0.72 -1.47
C ARG B 72 -12.75 -2.22 -1.69
N ALA B 73 -11.64 -2.70 -2.24
CA ALA B 73 -11.50 -4.12 -2.48
C ALA B 73 -10.88 -4.84 -1.29
N ASP B 74 -10.30 -4.09 -0.38
CA ASP B 74 -9.68 -4.70 0.80
C ASP B 74 -10.76 -5.01 1.82
N GLY B 75 -10.76 -6.24 2.32
CA GLY B 75 -11.77 -6.63 3.29
C GLY B 75 -11.82 -5.80 4.56
N ALA B 76 -10.66 -5.38 5.04
CA ALA B 76 -10.60 -4.58 6.26
C ALA B 76 -10.94 -3.11 6.08
N MET B 77 -10.49 -2.52 4.97
CA MET B 77 -10.68 -1.10 4.70
C MET B 77 -11.93 -0.81 3.87
N SER B 78 -12.53 -1.87 3.36
CA SER B 78 -13.72 -1.79 2.51
C SER B 78 -14.71 -0.64 2.78
N ALA B 79 -15.08 -0.45 4.04
CA ALA B 79 -16.07 0.56 4.41
C ALA B 79 -15.52 1.95 4.72
N LEU B 80 -14.20 2.10 4.63
CA LEU B 80 -13.56 3.38 4.92
C LEU B 80 -14.10 4.52 4.05
N PRO B 81 -14.63 5.57 4.70
CA PRO B 81 -15.15 6.71 3.96
C PRO B 81 -13.97 7.32 3.21
N VAL B 82 -14.16 7.68 1.95
CA VAL B 82 -13.08 8.29 1.19
C VAL B 82 -13.63 9.53 0.49
N LEU B 83 -13.13 10.69 0.89
CA LEU B 83 -13.58 11.93 0.29
C LEU B 83 -12.53 12.36 -0.71
N MET B 84 -12.90 12.43 -1.98
CA MET B 84 -11.97 12.82 -3.03
C MET B 84 -11.87 14.36 -3.02
N VAL B 85 -10.65 14.90 -2.99
CA VAL B 85 -10.45 16.35 -2.92
C VAL B 85 -9.46 16.93 -3.95
N THR B 86 -9.86 16.90 -5.22
CA THR B 86 -9.02 17.43 -6.28
C THR B 86 -9.39 18.80 -6.85
N ALA B 87 -8.55 19.25 -7.78
N ALA B 87 -8.54 19.26 -7.75
CA ALA B 87 -8.77 20.50 -8.48
CA ALA B 87 -8.72 20.49 -8.46
C ALA B 87 -9.53 20.14 -9.73
C ALA B 87 -9.63 20.25 -9.72
N GLU B 88 -9.13 19.03 -10.36
N GLU B 88 -9.32 19.24 -10.52
CA GLU B 88 -9.82 18.57 -11.57
CA GLU B 88 -10.08 18.95 -11.74
C GLU B 88 -11.34 18.38 -11.39
C GLU B 88 -11.46 18.41 -11.41
N ALA B 89 -12.12 19.01 -12.27
N ALA B 89 -12.48 18.93 -12.07
CA ALA B 89 -13.57 18.94 -12.18
CA ALA B 89 -13.85 18.49 -11.82
C ALA B 89 -14.18 18.36 -13.44
C ALA B 89 -14.48 17.85 -13.04
N LYS B 90 -13.66 17.23 -13.88
CA LYS B 90 -14.18 16.58 -15.09
C LYS B 90 -15.29 15.61 -14.72
N LYS B 91 -16.36 15.66 -15.50
CA LYS B 91 -17.53 14.82 -15.29
C LYS B 91 -17.24 13.34 -15.31
N GLU B 92 -16.32 12.91 -16.14
CA GLU B 92 -16.13 11.51 -16.10
C GLU B 92 -15.33 11.05 -14.86
N ASN B 93 -14.46 11.91 -14.29
CA ASN B 93 -13.76 11.55 -13.04
C ASN B 93 -14.81 11.39 -11.92
N ILE B 94 -15.78 12.29 -11.91
CA ILE B 94 -16.85 12.26 -10.91
C ILE B 94 -17.58 10.93 -11.04
N ILE B 95 -17.94 10.57 -12.27
CA ILE B 95 -18.63 9.31 -12.53
C ILE B 95 -17.76 8.15 -12.05
N ALA B 96 -16.51 8.11 -12.51
CA ALA B 96 -15.59 7.04 -12.12
C ALA B 96 -15.48 6.91 -10.60
N ALA B 97 -15.23 8.03 -9.92
CA ALA B 97 -15.08 8.03 -8.46
C ALA B 97 -16.32 7.49 -7.76
N ALA B 98 -17.48 7.93 -8.22
CA ALA B 98 -18.74 7.47 -7.64
C ALA B 98 -18.88 5.98 -7.93
N GLN B 99 -18.43 5.56 -9.12
CA GLN B 99 -18.51 4.17 -9.52
C GLN B 99 -17.63 3.36 -8.57
N ALA B 100 -16.39 3.81 -8.41
CA ALA B 100 -15.44 3.14 -7.55
C ALA B 100 -15.88 3.15 -6.09
N GLY B 101 -16.90 3.93 -5.77
CA GLY B 101 -17.38 3.98 -4.40
C GLY B 101 -16.89 5.11 -3.53
N ALA B 102 -16.56 6.24 -4.14
CA ALA B 102 -16.10 7.40 -3.39
C ALA B 102 -17.26 7.89 -2.52
N SER B 103 -16.95 8.29 -1.29
CA SER B 103 -17.97 8.76 -0.36
C SER B 103 -18.46 10.17 -0.66
N GLY B 104 -17.59 10.96 -1.29
CA GLY B 104 -17.94 12.32 -1.63
C GLY B 104 -16.87 12.91 -2.53
N TYR B 105 -17.13 14.09 -3.07
CA TYR B 105 -16.19 14.73 -3.97
C TYR B 105 -16.14 16.24 -3.72
N VAL B 106 -14.93 16.79 -3.62
CA VAL B 106 -14.78 18.22 -3.38
C VAL B 106 -13.72 18.79 -4.28
N VAL B 107 -14.07 19.90 -4.93
CA VAL B 107 -13.17 20.58 -5.84
C VAL B 107 -12.39 21.64 -5.07
N LYS B 108 -11.07 21.55 -5.12
CA LYS B 108 -10.27 22.55 -4.45
C LYS B 108 -10.22 23.70 -5.46
N PRO B 109 -10.10 24.94 -4.97
CA PRO B 109 -10.03 25.27 -3.54
C PRO B 109 -11.41 25.27 -2.90
N PHE B 110 -11.46 24.81 -1.65
CA PHE B 110 -12.72 24.77 -0.93
C PHE B 110 -12.57 25.51 0.39
N THR B 111 -13.69 25.75 1.04
CA THR B 111 -13.69 26.46 2.31
C THR B 111 -14.04 25.50 3.44
N ALA B 112 -13.86 25.98 4.67
CA ALA B 112 -14.19 25.17 5.83
C ALA B 112 -15.66 24.80 5.71
N ALA B 113 -16.48 25.76 5.27
CA ALA B 113 -17.91 25.54 5.12
C ALA B 113 -18.24 24.38 4.18
N THR B 114 -17.61 24.36 3.02
CA THR B 114 -17.85 23.32 2.05
C THR B 114 -17.42 21.96 2.60
N LEU B 115 -16.28 21.92 3.27
CA LEU B 115 -15.77 20.69 3.85
C LEU B 115 -16.70 20.22 4.96
N GLU B 116 -17.10 21.15 5.82
CA GLU B 116 -18.01 20.83 6.92
C GLU B 116 -19.25 20.18 6.31
N GLU B 117 -19.74 20.80 5.25
CA GLU B 117 -20.92 20.30 4.56
C GLU B 117 -20.71 18.84 4.16
N LYS B 118 -19.70 18.60 3.34
CA LYS B 118 -19.38 17.26 2.86
C LYS B 118 -19.17 16.25 3.97
N LEU B 119 -18.39 16.60 4.98
CA LEU B 119 -18.17 15.66 6.06
C LEU B 119 -19.50 15.31 6.73
N ASN B 120 -20.35 16.32 6.91
CA ASN B 120 -21.63 16.10 7.55
C ASN B 120 -22.53 15.15 6.79
N LYS B 121 -22.60 15.30 5.47
CA LYS B 121 -23.46 14.42 4.68
C LYS B 121 -22.94 12.99 4.70
N ILE B 122 -21.62 12.85 4.76
CA ILE B 122 -21.01 11.53 4.79
C ILE B 122 -21.16 10.89 6.17
N PHE B 123 -21.03 11.69 7.24
CA PHE B 123 -21.20 11.14 8.56
C PHE B 123 -22.64 10.70 8.71
N GLU B 124 -23.53 11.41 8.01
CA GLU B 124 -24.96 11.12 8.03
C GLU B 124 -25.28 9.88 7.21
N LYS B 125 -25.03 9.95 5.90
CA LYS B 125 -25.30 8.82 5.01
C LYS B 125 -24.81 7.52 5.63
N LEU B 126 -23.75 7.60 6.43
CA LEU B 126 -23.19 6.45 7.11
C LEU B 126 -23.74 6.38 8.54
N GLY B 127 -22.87 6.66 9.51
CA GLY B 127 -23.32 6.61 10.88
C GLY B 127 -22.25 6.79 11.96
N MET B 128 -21.68 7.98 12.06
CA MET B 128 -20.66 8.24 13.08
C MET B 128 -21.13 9.38 13.99
N GLY C 2 12.06 -18.36 21.96
CA GLY C 2 12.21 -17.01 22.55
C GLY C 2 11.54 -15.92 21.74
N ASP C 3 10.22 -15.82 21.87
CA ASP C 3 9.44 -14.81 21.15
C ASP C 3 9.95 -13.40 21.46
N SER C 4 10.95 -12.97 20.70
CA SER C 4 11.56 -11.66 20.89
C SER C 4 11.65 -10.91 19.57
N ILE C 5 10.92 -9.79 19.47
CA ILE C 5 10.92 -8.99 18.26
C ILE C 5 12.23 -8.20 18.10
N LEU C 6 12.90 -8.41 16.97
CA LEU C 6 14.16 -7.74 16.69
C LEU C 6 13.99 -6.48 15.85
N SER C 7 14.99 -5.62 15.92
CA SER C 7 14.97 -4.39 15.14
C SER C 7 15.52 -4.76 13.76
N GLN C 8 15.25 -3.91 12.78
CA GLN C 8 15.76 -4.18 11.44
C GLN C 8 17.27 -4.27 11.56
N ALA C 9 17.83 -3.39 12.38
CA ALA C 9 19.27 -3.33 12.61
C ALA C 9 19.83 -4.64 13.14
N GLU C 10 19.05 -5.33 13.98
CA GLU C 10 19.51 -6.61 14.54
C GLU C 10 19.37 -7.75 13.54
N ILE C 11 18.36 -7.66 12.69
CA ILE C 11 18.13 -8.68 11.68
C ILE C 11 19.27 -8.68 10.68
N ASP C 12 19.76 -7.49 10.35
CA ASP C 12 20.87 -7.36 9.41
C ASP C 12 22.15 -7.92 10.01
N ALA C 13 22.22 -7.91 11.35
CA ALA C 13 23.40 -8.38 12.07
C ALA C 13 23.54 -9.90 12.19
N LEU C 14 22.43 -10.63 12.19
CA LEU C 14 22.50 -12.08 12.32
C LEU C 14 22.15 -12.77 11.02
N LEU C 15 21.69 -11.99 10.06
CA LEU C 15 21.33 -12.54 8.75
C LEU C 15 22.56 -12.84 7.88
N ASN C 16 23.10 -11.79 7.27
CA ASN C 16 24.30 -11.90 6.43
C ASN C 16 25.26 -12.95 6.99
N GLY D 2 -15.90 14.32 -19.45
CA GLY D 2 -14.64 15.04 -19.84
C GLY D 2 -14.90 16.46 -20.31
N ASP D 3 -15.86 17.12 -19.65
CA ASP D 3 -16.26 18.49 -19.98
C ASP D 3 -15.16 19.53 -19.84
N SER D 4 -15.56 20.70 -19.34
CA SER D 4 -14.67 21.83 -19.09
C SER D 4 -14.29 21.70 -17.62
N ILE D 5 -15.16 22.21 -16.75
CA ILE D 5 -14.93 22.14 -15.31
C ILE D 5 -16.28 22.17 -14.59
N LEU D 6 -16.49 21.21 -13.69
CA LEU D 6 -17.73 21.12 -12.94
C LEU D 6 -17.62 21.84 -11.59
N SER D 7 -18.33 22.96 -11.42
CA SER D 7 -18.29 23.68 -10.15
C SER D 7 -18.78 22.75 -9.05
N GLN D 8 -18.54 23.11 -7.78
CA GLN D 8 -18.95 22.28 -6.65
C GLN D 8 -20.44 21.97 -6.64
N ALA D 9 -21.25 22.93 -7.10
CA ALA D 9 -22.70 22.75 -7.15
C ALA D 9 -23.08 21.65 -8.14
N GLU D 10 -22.53 21.73 -9.36
CA GLU D 10 -22.80 20.75 -10.41
C GLU D 10 -22.46 19.32 -9.99
N ILE D 11 -21.47 19.19 -9.12
CA ILE D 11 -21.04 17.89 -8.61
C ILE D 11 -22.12 17.38 -7.67
N ASP D 12 -22.43 18.20 -6.68
CA ASP D 12 -23.43 17.89 -5.67
C ASP D 12 -24.69 17.32 -6.34
N ALA D 13 -25.14 18.00 -7.40
CA ALA D 13 -26.32 17.56 -8.13
C ALA D 13 -26.06 16.24 -8.83
N LEU D 14 -25.11 16.28 -9.76
CA LEU D 14 -24.73 15.12 -10.57
C LEU D 14 -24.91 13.78 -9.89
N LEU D 15 -24.45 13.67 -8.65
CA LEU D 15 -24.57 12.39 -8.00
C LEU D 15 -25.24 12.41 -6.64
N ASN D 16 -25.63 11.22 -6.18
CA ASN D 16 -26.28 11.03 -4.89
C ASN D 16 -27.65 11.70 -4.81
MG MG E . 0.40 -13.47 5.22
MG MG F . -1.79 15.87 -6.49
#